data_3IR4
#
_entry.id   3IR4
#
_cell.length_a   41.240
_cell.length_b   58.760
_cell.length_c   87.930
_cell.angle_alpha   90.00
_cell.angle_beta   90.00
_cell.angle_gamma   90.00
#
_symmetry.space_group_name_H-M   'P 21 21 21'
#
loop_
_entity.id
_entity.type
_entity.pdbx_description
1 polymer 'Glutaredoxin 2'
2 non-polymer GLUTATHIONE
3 non-polymer 'CHLORIDE ION'
4 non-polymer 'SULFATE ION'
5 water water
#
_entity_poly.entity_id   1
_entity_poly.type   'polypeptide(L)'
_entity_poly.pdbx_seq_one_letter_code
;SNA(MSE)KLYIYDHCPFCVKAR(MSE)IFGLKNIPVELNVLQNDDEATPTR(MSE)IGQK(MSE)VPILQKDDSRYLPE
S(MSE)DIVHYVDNLDGKPLLTGKRNPAIEEWLRKVNGYVNQLLLPRFAKSAFDEFSTPAARQYFIRKKEASSGSFDNHL
AHSAGLIKKIGDDLRLLDKLIVQPNAVNGELSEDDIHLFPLLRNLTLVAGIHWPTKVADYRDN(MSE)AKQTQINLLSS
(MSE)AI
;
_entity_poly.pdbx_strand_id   A
#
# COMPACT_ATOMS: atom_id res chain seq x y z
N SER A 1 5.21 12.00 23.38
CA SER A 1 5.65 10.59 23.44
C SER A 1 4.48 9.67 23.07
N ASN A 2 4.78 8.56 22.44
CA ASN A 2 3.77 7.51 22.20
C ASN A 2 4.48 6.17 22.18
N ALA A 3 3.68 5.12 22.29
CA ALA A 3 4.18 3.77 22.32
C ALA A 3 3.54 2.93 21.20
N LYS A 5 2.80 0.85 17.88
CA LYS A 5 3.51 -0.11 17.03
C LYS A 5 2.56 -0.53 15.90
N LEU A 6 3.11 -0.77 14.72
N LEU A 6 3.13 -0.69 14.70
CA LEU A 6 2.32 -1.22 13.61
CA LEU A 6 2.39 -1.26 13.57
C LEU A 6 2.96 -2.47 13.01
C LEU A 6 3.04 -2.58 13.24
N TYR A 7 2.18 -3.56 13.01
CA TYR A 7 2.60 -4.90 12.53
C TYR A 7 2.11 -5.00 11.10
N ILE A 8 3.05 -5.28 10.20
CA ILE A 8 2.81 -5.19 8.78
C ILE A 8 3.52 -6.22 7.94
N TYR A 9 3.10 -6.28 6.67
CA TYR A 9 3.92 -6.81 5.56
C TYR A 9 4.23 -5.56 4.72
N ASP A 10 5.49 -5.39 4.34
N ASP A 10 5.49 -5.35 4.36
CA ASP A 10 5.91 -4.20 3.59
CA ASP A 10 5.84 -4.16 3.58
C ASP A 10 5.22 -4.06 2.23
C ASP A 10 5.13 -4.06 2.24
N HIS A 11 4.96 -5.17 1.55
CA HIS A 11 4.33 -5.12 0.24
C HIS A 11 2.82 -4.81 0.29
N CYS A 12 2.22 -4.96 1.47
CA CYS A 12 0.75 -4.95 1.56
C CYS A 12 0.20 -3.54 1.45
N PRO A 13 -0.69 -3.28 0.47
CA PRO A 13 -1.21 -1.94 0.34
C PRO A 13 -2.01 -1.47 1.55
N PHE A 14 -2.68 -2.38 2.23
CA PHE A 14 -3.43 -2.01 3.44
C PHE A 14 -2.49 -1.54 4.53
N CYS A 15 -1.33 -2.17 4.63
CA CYS A 15 -0.31 -1.73 5.57
C CYS A 15 0.26 -0.36 5.20
N VAL A 16 0.42 -0.09 3.93
CA VAL A 16 0.86 1.24 3.49
C VAL A 16 -0.19 2.27 3.91
N LYS A 17 -1.47 1.95 3.73
CA LYS A 17 -2.53 2.87 4.16
C LYS A 17 -2.35 3.25 5.64
N ALA A 18 -2.15 2.22 6.46
CA ALA A 18 -2.00 2.39 7.90
C ALA A 18 -0.78 3.22 8.29
N ARG A 19 0.25 3.19 7.48
N ARG A 19 0.27 3.17 7.48
CA ARG A 19 1.46 3.97 7.72
CA ARG A 19 1.47 3.97 7.70
C ARG A 19 1.32 5.44 7.30
C ARG A 19 1.29 5.43 7.34
N ILE A 21 -0.82 8.10 7.63
CA ILE A 21 -1.14 9.22 8.51
C ILE A 21 0.01 9.48 9.46
N PHE A 22 0.70 8.43 9.91
CA PHE A 22 1.86 8.64 10.78
C PHE A 22 2.85 9.57 10.10
N GLY A 23 3.13 9.31 8.82
CA GLY A 23 4.05 10.14 8.10
C GLY A 23 3.57 11.54 7.86
N LEU A 24 2.33 11.65 7.41
CA LEU A 24 1.78 12.96 7.08
C LEU A 24 1.69 13.90 8.28
N LYS A 25 1.43 13.34 9.46
CA LYS A 25 1.28 14.09 10.70
C LYS A 25 2.54 14.09 11.55
N ASN A 26 3.60 13.43 11.11
CA ASN A 26 4.84 13.31 11.88
C ASN A 26 4.62 12.72 13.27
N ILE A 27 3.78 11.69 13.32
CA ILE A 27 3.53 10.96 14.56
C ILE A 27 4.45 9.74 14.56
N PRO A 28 5.31 9.58 15.59
CA PRO A 28 6.19 8.42 15.60
C PRO A 28 5.42 7.10 15.57
N VAL A 29 6.03 6.09 14.93
CA VAL A 29 5.48 4.75 14.93
C VAL A 29 6.61 3.74 14.82
N GLU A 30 6.51 2.65 15.57
CA GLU A 30 7.47 1.57 15.46
C GLU A 30 6.93 0.51 14.52
N LEU A 31 7.55 0.38 13.33
CA LEU A 31 7.15 -0.62 12.38
C LEU A 31 7.72 -1.99 12.74
N ASN A 32 6.92 -3.02 12.59
CA ASN A 32 7.36 -4.39 12.85
C ASN A 32 6.87 -5.25 11.72
N VAL A 33 7.78 -5.68 10.84
CA VAL A 33 7.40 -6.51 9.72
C VAL A 33 7.37 -7.96 10.17
N LEU A 34 6.24 -8.61 10.02
CA LEU A 34 6.08 -10.00 10.35
C LEU A 34 6.42 -10.89 9.17
N GLN A 35 6.95 -12.08 9.45
CA GLN A 35 7.14 -13.06 8.39
C GLN A 35 5.79 -13.43 7.78
N ASN A 36 5.77 -13.61 6.45
CA ASN A 36 4.51 -13.83 5.78
C ASN A 36 3.82 -15.13 6.17
N ASP A 37 4.58 -16.11 6.65
CA ASP A 37 4.03 -17.39 7.11
C ASP A 37 3.76 -17.44 8.62
N ASP A 38 3.88 -16.30 9.31
CA ASP A 38 3.70 -16.29 10.76
C ASP A 38 2.25 -16.13 11.12
N GLU A 39 1.60 -17.24 11.45
CA GLU A 39 0.21 -17.23 11.90
C GLU A 39 0.10 -16.88 13.38
N ALA A 40 1.03 -17.37 14.19
CA ALA A 40 0.95 -17.24 15.64
C ALA A 40 1.00 -15.81 16.15
N THR A 41 1.86 -14.96 15.62
CA THR A 41 1.98 -13.61 16.18
C THR A 41 0.72 -12.79 16.02
N PRO A 42 0.24 -12.63 14.80
CA PRO A 42 -1.01 -11.85 14.70
C PRO A 42 -2.21 -12.52 15.39
N THR A 43 -2.26 -13.85 15.40
CA THR A 43 -3.33 -14.56 16.08
C THR A 43 -3.34 -14.26 17.58
N ARG A 44 -2.16 -14.14 18.20
N ARG A 44 -2.14 -14.13 18.17
CA ARG A 44 -2.12 -13.80 19.62
CA ARG A 44 -2.00 -13.81 19.59
C ARG A 44 -2.77 -12.41 19.82
C ARG A 44 -2.50 -12.39 19.90
N ILE A 46 -4.92 -10.43 17.71
CA ILE A 46 -6.31 -10.20 17.26
C ILE A 46 -7.13 -11.44 16.96
N GLY A 47 -6.55 -12.62 17.12
CA GLY A 47 -7.31 -13.85 16.92
C GLY A 47 -7.36 -14.36 15.51
N GLN A 48 -6.66 -13.72 14.59
CA GLN A 48 -6.58 -14.15 13.21
C GLN A 48 -5.28 -13.64 12.58
N LYS A 49 -4.88 -14.24 11.45
CA LYS A 49 -3.70 -13.82 10.73
C LYS A 49 -4.10 -12.77 9.72
N VAL A 51 -2.95 -8.42 8.71
CA VAL A 51 -2.22 -7.18 8.95
C VAL A 51 -2.87 -6.12 8.04
N PRO A 52 -2.80 -4.83 8.38
CA PRO A 52 -2.06 -4.25 9.51
C PRO A 52 -2.76 -4.40 10.86
N ILE A 53 -1.94 -4.37 11.91
CA ILE A 53 -2.43 -4.30 13.28
C ILE A 53 -1.70 -3.15 13.95
N LEU A 54 -2.45 -2.23 14.53
CA LEU A 54 -1.89 -1.20 15.38
C LEU A 54 -1.96 -1.60 16.83
N GLN A 55 -0.86 -1.42 17.57
CA GLN A 55 -0.90 -1.51 19.00
CA GLN A 55 -0.93 -1.50 19.02
C GLN A 55 -0.96 -0.08 19.52
N LYS A 56 -2.03 0.23 20.24
N LYS A 56 -2.02 0.23 20.25
CA LYS A 56 -2.28 1.53 20.82
CA LYS A 56 -2.25 1.55 20.80
C LYS A 56 -1.42 1.76 22.07
C LYS A 56 -1.44 1.75 22.08
N ASP A 57 -1.41 3.00 22.53
CA ASP A 57 -0.66 3.38 23.74
C ASP A 57 -1.10 2.57 24.96
N ASP A 58 -2.36 2.19 25.01
CA ASP A 58 -2.92 1.41 26.12
C ASP A 58 -2.66 -0.11 26.01
N SER A 59 -1.88 -0.50 24.99
N SER A 59 -1.91 -0.50 24.98
CA SER A 59 -1.47 -1.87 24.69
CA SER A 59 -1.51 -1.88 24.67
C SER A 59 -2.49 -2.73 23.91
C SER A 59 -2.58 -2.72 23.96
N ARG A 60 -3.71 -2.24 23.78
N ARG A 60 -3.73 -2.14 23.70
CA ARG A 60 -4.71 -2.97 23.01
CA ARG A 60 -4.78 -2.83 22.96
C ARG A 60 -4.45 -2.83 21.50
C ARG A 60 -4.38 -2.85 21.49
N TYR A 61 -4.98 -3.77 20.74
CA TYR A 61 -4.73 -3.87 19.33
C TYR A 61 -5.93 -3.45 18.50
N LEU A 62 -5.66 -2.84 17.37
CA LEU A 62 -6.68 -2.38 16.44
C LEU A 62 -6.33 -2.83 15.02
N PRO A 63 -7.11 -3.73 14.45
CA PRO A 63 -6.93 -4.09 13.05
C PRO A 63 -7.79 -3.17 12.16
N GLU A 64 -7.72 -3.42 10.87
CA GLU A 64 -8.44 -2.75 9.78
C GLU A 64 -7.81 -1.42 9.39
N SER A 65 -7.19 -1.43 8.23
CA SER A 65 -6.49 -0.26 7.73
C SER A 65 -7.22 1.06 7.89
N ASP A 67 -9.78 1.83 9.83
CA ASP A 67 -10.01 2.16 11.23
C ASP A 67 -8.74 2.72 11.86
N ILE A 68 -7.59 2.15 11.53
CA ILE A 68 -6.31 2.66 12.00
C ILE A 68 -6.12 4.08 11.47
N VAL A 69 -6.33 4.28 10.17
CA VAL A 69 -6.16 5.59 9.55
C VAL A 69 -6.95 6.65 10.31
N HIS A 70 -8.23 6.38 10.51
CA HIS A 70 -9.07 7.39 11.19
C HIS A 70 -8.73 7.57 12.66
N TYR A 71 -8.45 6.50 13.38
N TYR A 71 -8.43 6.49 13.37
CA TYR A 71 -8.06 6.62 14.78
CA TYR A 71 -8.07 6.60 14.77
C TYR A 71 -6.84 7.53 14.92
C TYR A 71 -6.84 7.48 14.95
N VAL A 72 -5.80 7.23 14.14
CA VAL A 72 -4.57 7.99 14.23
C VAL A 72 -4.77 9.43 13.74
N ASP A 73 -5.51 9.65 12.67
CA ASP A 73 -5.76 11.00 12.18
C ASP A 73 -6.54 11.82 13.22
N ASN A 74 -7.38 11.16 14.00
CA ASN A 74 -8.26 11.83 14.95
C ASN A 74 -7.71 11.97 16.34
N LEU A 75 -6.58 11.32 16.60
N LEU A 75 -6.62 11.26 16.64
CA LEU A 75 -6.08 11.21 17.97
CA LEU A 75 -6.05 11.26 18.00
C LEU A 75 -5.73 12.56 18.61
C LEU A 75 -5.85 12.62 18.60
N ASP A 76 -5.23 13.52 17.83
CA ASP A 76 -4.85 14.86 18.32
C ASP A 76 -5.95 15.91 18.19
N GLY A 77 -7.11 15.49 17.72
CA GLY A 77 -8.25 16.38 17.57
C GLY A 77 -8.28 17.22 16.31
N LYS A 78 -7.27 17.07 15.44
CA LYS A 78 -7.16 17.87 14.22
C LYS A 78 -6.86 16.99 13.01
N PRO A 79 -7.88 16.37 12.44
CA PRO A 79 -7.68 15.53 11.28
C PRO A 79 -7.05 16.27 10.09
N LEU A 80 -6.24 15.54 9.33
CA LEU A 80 -5.83 16.00 8.01
C LEU A 80 -6.80 15.57 6.91
N LEU A 81 -7.61 14.54 7.15
CA LEU A 81 -8.53 14.05 6.13
C LEU A 81 -9.76 14.97 6.15
N THR A 82 -9.69 16.01 5.33
CA THR A 82 -10.71 17.05 5.32
C THR A 82 -11.41 17.24 3.99
N GLY A 83 -10.97 16.50 2.97
CA GLY A 83 -11.47 16.70 1.63
C GLY A 83 -12.61 15.80 1.18
N LYS A 84 -13.30 16.26 0.14
CA LYS A 84 -14.26 15.46 -0.55
C LYS A 84 -13.55 14.36 -1.33
N ARG A 85 -14.33 13.35 -1.65
CA ARG A 85 -13.88 12.27 -2.50
C ARG A 85 -14.50 12.39 -3.87
N ASN A 86 -13.87 11.79 -4.87
CA ASN A 86 -14.27 11.87 -6.25
C ASN A 86 -14.72 10.46 -6.68
N PRO A 87 -16.01 10.29 -7.02
CA PRO A 87 -16.45 8.99 -7.46
C PRO A 87 -15.61 8.43 -8.63
N ALA A 88 -15.10 9.29 -9.49
CA ALA A 88 -14.25 8.85 -10.61
C ALA A 88 -13.00 8.10 -10.12
N ILE A 89 -12.44 8.52 -8.98
CA ILE A 89 -11.25 7.89 -8.43
C ILE A 89 -11.59 6.50 -7.88
N GLU A 90 -12.71 6.39 -7.18
CA GLU A 90 -13.15 5.10 -6.67
C GLU A 90 -13.33 4.12 -7.84
N GLU A 91 -13.92 4.60 -8.93
CA GLU A 91 -14.19 3.77 -10.10
C GLU A 91 -12.89 3.36 -10.79
N TRP A 92 -11.95 4.30 -10.91
CA TRP A 92 -10.68 4.02 -11.55
C TRP A 92 -9.92 2.97 -10.73
N LEU A 93 -9.88 3.15 -9.41
CA LEU A 93 -9.22 2.23 -8.54
C LEU A 93 -9.83 0.85 -8.62
N ARG A 94 -11.15 0.76 -8.64
N ARG A 94 -11.16 0.74 -8.66
CA ARG A 94 -11.83 -0.52 -8.72
CA ARG A 94 -11.79 -0.58 -8.71
C ARG A 94 -11.37 -1.26 -9.99
C ARG A 94 -11.43 -1.30 -10.01
N LYS A 95 -11.36 -0.55 -11.11
CA LYS A 95 -10.96 -1.12 -12.40
C LYS A 95 -9.50 -1.59 -12.37
N VAL A 96 -8.59 -0.72 -11.93
CA VAL A 96 -7.18 -1.07 -11.93
C VAL A 96 -6.85 -2.19 -10.93
N ASN A 97 -7.37 -2.08 -9.69
CA ASN A 97 -7.15 -3.11 -8.70
C ASN A 97 -7.69 -4.45 -9.16
N GLY A 98 -8.60 -4.46 -10.12
CA GLY A 98 -9.13 -5.67 -10.65
C GLY A 98 -8.15 -6.51 -11.47
N TYR A 99 -7.14 -5.88 -12.09
CA TYR A 99 -6.13 -6.62 -12.90
C TYR A 99 -4.68 -6.46 -12.44
N VAL A 100 -4.40 -5.47 -11.63
CA VAL A 100 -3.04 -5.07 -11.32
C VAL A 100 -2.22 -6.15 -10.63
N ASN A 101 -2.87 -7.05 -9.92
CA ASN A 101 -2.13 -8.08 -9.21
C ASN A 101 -1.42 -9.04 -10.16
N GLN A 102 -1.84 -9.10 -11.43
CA GLN A 102 -1.10 -9.91 -12.39
C GLN A 102 0.30 -9.34 -12.62
N LEU A 103 0.47 -8.04 -12.44
CA LEU A 103 1.79 -7.42 -12.44
C LEU A 103 2.45 -7.54 -11.06
N LEU A 104 1.70 -7.26 -10.01
CA LEU A 104 2.32 -7.10 -8.70
C LEU A 104 2.71 -8.38 -7.98
N LEU A 105 1.82 -9.36 -7.91
CA LEU A 105 2.11 -10.52 -7.09
C LEU A 105 3.36 -11.29 -7.52
N PRO A 106 3.54 -11.51 -8.84
CA PRO A 106 4.74 -12.23 -9.22
C PRO A 106 6.02 -11.49 -8.87
N ARG A 107 5.95 -10.15 -8.93
CA ARG A 107 7.09 -9.32 -8.60
C ARG A 107 7.33 -9.26 -7.09
N PHE A 108 6.26 -9.14 -6.30
CA PHE A 108 6.42 -9.21 -4.87
C PHE A 108 7.17 -10.51 -4.48
N ALA A 109 6.77 -11.61 -5.09
CA ALA A 109 7.31 -12.93 -4.76
C ALA A 109 8.78 -13.09 -5.10
N LYS A 110 9.28 -12.23 -6.00
CA LYS A 110 10.67 -12.23 -6.42
C LYS A 110 11.52 -11.16 -5.78
N SER A 111 10.94 -10.34 -4.89
CA SER A 111 11.62 -9.17 -4.39
C SER A 111 11.99 -9.23 -2.91
N ALA A 112 12.93 -8.39 -2.50
N ALA A 112 12.88 -8.32 -2.54
CA ALA A 112 13.46 -8.42 -1.14
CA ALA A 112 13.39 -8.14 -1.19
C ALA A 112 12.63 -7.68 -0.08
C ALA A 112 12.39 -7.34 -0.36
N PHE A 113 11.36 -7.99 0.05
N PHE A 113 11.47 -8.06 0.24
CA PHE A 113 10.57 -7.47 1.18
CA PHE A 113 10.53 -7.54 1.21
C PHE A 113 10.91 -8.31 2.42
C PHE A 113 10.83 -8.33 2.45
N ASP A 114 10.93 -7.67 3.60
CA ASP A 114 11.32 -8.36 4.81
C ASP A 114 10.43 -9.53 5.19
N GLU A 115 9.15 -9.46 4.87
CA GLU A 115 8.23 -10.53 5.19
C GLU A 115 8.50 -11.82 4.45
N PHE A 116 9.34 -11.73 3.42
CA PHE A 116 9.72 -12.91 2.61
C PHE A 116 11.16 -13.28 2.85
N SER A 117 11.74 -12.84 3.95
CA SER A 117 13.19 -13.05 4.15
C SER A 117 13.60 -14.49 4.25
N THR A 118 12.75 -15.33 4.76
CA THR A 118 13.07 -16.76 4.85
C THR A 118 12.53 -17.47 3.60
N PRO A 119 13.25 -18.50 3.13
CA PRO A 119 12.69 -19.30 2.07
C PRO A 119 11.27 -19.81 2.36
N ALA A 120 11.02 -20.23 3.59
CA ALA A 120 9.69 -20.75 3.93
C ALA A 120 8.60 -19.69 3.75
N ALA A 121 8.87 -18.46 4.18
CA ALA A 121 7.90 -17.38 4.07
C ALA A 121 7.61 -17.03 2.62
N ARG A 122 8.65 -17.03 1.79
CA ARG A 122 8.48 -16.72 0.39
C ARG A 122 7.66 -17.83 -0.31
N GLN A 123 7.98 -19.09 0.00
CA GLN A 123 7.23 -20.19 -0.59
C GLN A 123 5.77 -20.15 -0.19
N TYR A 124 5.50 -19.84 1.09
CA TYR A 124 4.14 -19.73 1.61
C TYR A 124 3.33 -18.74 0.77
N PHE A 125 3.92 -17.59 0.49
CA PHE A 125 3.27 -16.56 -0.32
C PHE A 125 2.97 -17.04 -1.74
N ILE A 126 3.99 -17.62 -2.39
CA ILE A 126 3.83 -18.07 -3.75
C ILE A 126 2.69 -19.09 -3.85
N ARG A 127 2.74 -20.07 -2.98
CA ARG A 127 1.77 -21.15 -3.01
C ARG A 127 0.38 -20.63 -2.84
N LYS A 128 0.18 -19.74 -1.88
CA LYS A 128 -1.14 -19.21 -1.59
C LYS A 128 -1.69 -18.40 -2.76
N LYS A 129 -0.87 -17.53 -3.33
CA LYS A 129 -1.37 -16.69 -4.41
C LYS A 129 -1.60 -17.51 -5.67
N GLU A 130 -0.70 -18.42 -6.01
CA GLU A 130 -0.88 -19.21 -7.22
C GLU A 130 -2.08 -20.15 -7.16
N ALA A 131 -2.48 -20.55 -5.96
CA ALA A 131 -3.65 -21.41 -5.75
C ALA A 131 -4.95 -20.64 -5.82
N SER A 132 -4.84 -19.33 -5.97
N SER A 132 -4.87 -19.33 -5.98
CA SER A 132 -6.00 -18.46 -5.99
CA SER A 132 -6.08 -18.50 -6.04
C SER A 132 -6.20 -17.68 -7.28
C SER A 132 -6.23 -17.64 -7.27
N SER A 133 -5.13 -17.07 -7.79
CA SER A 133 -5.22 -16.15 -8.91
C SER A 133 -4.38 -16.51 -10.10
N GLY A 134 -3.81 -17.70 -10.09
CA GLY A 134 -3.12 -18.20 -11.29
C GLY A 134 -1.63 -18.15 -11.29
N SER A 135 -1.10 -18.57 -12.43
CA SER A 135 0.33 -18.75 -12.60
C SER A 135 1.14 -17.47 -12.67
N PHE A 136 2.14 -17.37 -11.81
CA PHE A 136 3.05 -16.24 -11.83
C PHE A 136 3.79 -16.20 -13.15
N ASP A 137 4.24 -17.35 -13.67
CA ASP A 137 4.96 -17.32 -14.96
C ASP A 137 4.08 -16.88 -16.11
N ASN A 138 2.83 -17.33 -16.14
CA ASN A 138 1.92 -16.87 -17.16
C ASN A 138 1.78 -15.35 -17.10
N HIS A 139 1.55 -14.85 -15.90
CA HIS A 139 1.38 -13.41 -15.74
C HIS A 139 2.62 -12.64 -16.14
N LEU A 140 3.80 -13.12 -15.73
CA LEU A 140 5.04 -12.45 -16.11
C LEU A 140 5.25 -12.42 -17.62
N ALA A 141 4.87 -13.51 -18.30
CA ALA A 141 5.00 -13.59 -19.75
C ALA A 141 4.05 -12.64 -20.46
N HIS A 142 3.02 -12.18 -19.77
CA HIS A 142 2.07 -11.18 -20.28
C HIS A 142 2.38 -9.76 -19.82
N SER A 143 3.58 -9.53 -19.31
CA SER A 143 3.94 -8.21 -18.80
C SER A 143 3.80 -7.10 -19.81
N ALA A 144 4.19 -7.32 -21.06
CA ALA A 144 4.18 -6.22 -22.04
C ALA A 144 2.77 -5.65 -22.17
N GLY A 145 1.79 -6.53 -22.37
CA GLY A 145 0.43 -6.06 -22.50
C GLY A 145 -0.13 -5.43 -21.23
N LEU A 146 0.22 -6.00 -20.08
CA LEU A 146 -0.25 -5.48 -18.80
C LEU A 146 0.35 -4.10 -18.55
N ILE A 147 1.62 -3.93 -18.87
CA ILE A 147 2.31 -2.64 -18.73
C ILE A 147 1.67 -1.59 -19.62
N LYS A 148 1.32 -1.97 -20.83
CA LYS A 148 0.63 -1.01 -21.71
C LYS A 148 -0.75 -0.64 -21.15
N LYS A 149 -1.45 -1.62 -20.57
N LYS A 149 -1.47 -1.63 -20.66
CA LYS A 149 -2.74 -1.37 -19.94
CA LYS A 149 -2.80 -1.38 -20.15
C LYS A 149 -2.64 -0.38 -18.80
C LYS A 149 -2.77 -0.41 -18.98
N ILE A 150 -1.70 -0.59 -17.88
N ILE A 150 -1.80 -0.62 -18.07
CA ILE A 150 -1.59 0.35 -16.78
CA ILE A 150 -1.58 0.28 -16.92
C ILE A 150 -1.15 1.73 -17.31
C ILE A 150 -1.26 1.68 -17.41
N GLY A 151 -0.33 1.75 -18.35
CA GLY A 151 0.07 3.03 -18.94
C GLY A 151 -1.15 3.80 -19.44
N ASP A 152 -2.04 3.09 -20.14
CA ASP A 152 -3.26 3.71 -20.62
C ASP A 152 -4.13 4.23 -19.49
N ASP A 153 -4.32 3.41 -18.47
CA ASP A 153 -5.11 3.83 -17.32
C ASP A 153 -4.50 5.03 -16.59
N LEU A 154 -3.17 5.05 -16.47
CA LEU A 154 -2.49 6.15 -15.83
C LEU A 154 -2.69 7.46 -16.59
N ARG A 155 -2.85 7.42 -17.92
N ARG A 155 -2.85 7.42 -17.92
CA ARG A 155 -3.06 8.65 -18.67
CA ARG A 155 -3.08 8.65 -18.69
C ARG A 155 -4.39 9.34 -18.27
C ARG A 155 -4.40 9.34 -18.29
N LEU A 156 -5.43 8.56 -17.97
CA LEU A 156 -6.69 9.15 -17.50
C LEU A 156 -6.48 9.68 -16.08
N LEU A 157 -5.86 8.87 -15.21
CA LEU A 157 -5.62 9.31 -13.85
C LEU A 157 -4.90 10.65 -13.80
N ASP A 158 -3.95 10.83 -14.70
CA ASP A 158 -3.20 12.06 -14.79
C ASP A 158 -4.09 13.30 -14.86
N LYS A 159 -5.17 13.19 -15.60
CA LYS A 159 -6.09 14.31 -15.79
C LYS A 159 -6.98 14.57 -14.57
N LEU A 160 -7.05 13.61 -13.66
CA LEU A 160 -7.89 13.67 -12.47
C LEU A 160 -7.17 14.11 -11.22
N ILE A 161 -5.84 13.99 -11.17
CA ILE A 161 -5.10 14.39 -10.00
C ILE A 161 -5.04 15.91 -9.93
N VAL A 162 -5.65 16.48 -8.90
CA VAL A 162 -5.72 17.92 -8.81
C VAL A 162 -4.34 18.51 -8.49
N GLN A 163 -3.59 17.94 -7.54
CA GLN A 163 -2.30 18.47 -7.17
C GLN A 163 -1.49 17.37 -6.50
N PRO A 164 -0.17 17.57 -6.36
CA PRO A 164 0.67 16.45 -5.90
C PRO A 164 0.49 16.01 -4.47
N ASN A 165 -0.14 16.85 -3.66
CA ASN A 165 -0.35 16.58 -2.23
C ASN A 165 -1.78 16.28 -1.89
N ALA A 166 -2.64 16.12 -2.88
CA ALA A 166 -4.06 15.78 -2.66
C ALA A 166 -4.74 15.52 -3.98
N VAL A 167 -5.18 14.29 -4.18
CA VAL A 167 -5.77 13.91 -5.46
C VAL A 167 -6.99 14.74 -5.83
N ASN A 168 -7.76 15.14 -4.83
CA ASN A 168 -8.95 15.98 -5.07
C ASN A 168 -8.78 17.43 -4.64
N GLY A 169 -7.58 17.84 -4.24
CA GLY A 169 -7.31 19.24 -3.85
C GLY A 169 -7.05 19.37 -2.37
N GLU A 170 -7.88 18.71 -1.55
N GLU A 170 -7.82 18.61 -1.60
CA GLU A 170 -7.68 18.62 -0.10
CA GLU A 170 -7.73 18.57 -0.17
C GLU A 170 -7.52 17.14 0.18
C GLU A 170 -7.56 17.10 0.21
N LEU A 171 -6.65 16.79 1.13
CA LEU A 171 -6.39 15.39 1.45
C LEU A 171 -7.68 14.68 1.81
N SER A 172 -7.85 13.48 1.28
CA SER A 172 -9.06 12.70 1.50
C SER A 172 -8.71 11.20 1.54
N GLU A 173 -9.71 10.37 1.83
CA GLU A 173 -9.50 8.94 1.81
C GLU A 173 -9.15 8.45 0.41
N ASP A 174 -9.46 9.20 -0.65
CA ASP A 174 -8.97 8.80 -1.98
C ASP A 174 -7.47 8.75 -2.04
N ASP A 175 -6.77 9.63 -1.34
CA ASP A 175 -5.31 9.60 -1.27
C ASP A 175 -4.82 8.33 -0.57
N ILE A 176 -5.54 7.97 0.50
CA ILE A 176 -5.22 6.78 1.27
C ILE A 176 -5.33 5.55 0.37
N HIS A 177 -6.34 5.47 -0.47
CA HIS A 177 -6.50 4.32 -1.36
C HIS A 177 -5.60 4.38 -2.59
N LEU A 178 -5.31 5.56 -3.11
CA LEU A 178 -4.54 5.68 -4.35
C LEU A 178 -3.03 5.50 -4.17
N PHE A 179 -2.44 6.18 -3.20
CA PHE A 179 -1.01 6.14 -3.03
C PHE A 179 -0.43 4.70 -2.92
N PRO A 180 -1.05 3.81 -2.14
CA PRO A 180 -0.45 2.47 -2.03
C PRO A 180 -0.34 1.75 -3.37
N LEU A 181 -1.36 1.90 -4.22
CA LEU A 181 -1.32 1.31 -5.54
C LEU A 181 -0.16 1.87 -6.36
N LEU A 182 -0.02 3.18 -6.37
CA LEU A 182 1.05 3.82 -7.12
C LEU A 182 2.42 3.42 -6.56
N ARG A 183 2.54 3.44 -5.24
N ARG A 183 2.50 3.30 -5.24
CA ARG A 183 3.79 3.06 -4.58
CA ARG A 183 3.73 2.85 -4.62
C ARG A 183 4.22 1.67 -5.02
C ARG A 183 4.09 1.43 -5.05
N ASN A 184 3.27 0.74 -4.98
N ASN A 184 3.13 0.52 -5.02
CA ASN A 184 3.54 -0.65 -5.39
CA ASN A 184 3.49 -0.83 -5.41
C ASN A 184 3.89 -0.78 -6.87
C ASN A 184 3.79 -0.92 -6.92
N LEU A 185 3.18 -0.05 -7.72
CA LEU A 185 3.46 -0.03 -9.15
C LEU A 185 4.90 0.37 -9.47
N THR A 186 5.58 1.05 -8.56
CA THR A 186 6.98 1.40 -8.79
C THR A 186 7.89 0.16 -8.81
N LEU A 187 7.38 -1.00 -8.37
CA LEU A 187 8.13 -2.24 -8.47
C LEU A 187 8.14 -2.77 -9.91
N VAL A 188 7.26 -2.26 -10.75
CA VAL A 188 7.10 -2.76 -12.11
C VAL A 188 7.95 -1.94 -13.09
N ALA A 189 9.11 -2.49 -13.47
CA ALA A 189 9.94 -1.87 -14.49
C ALA A 189 9.16 -1.83 -15.81
N GLY A 190 9.19 -0.69 -16.49
CA GLY A 190 8.66 -0.54 -17.82
C GLY A 190 7.48 0.41 -17.97
N ILE A 191 6.85 0.78 -16.86
CA ILE A 191 5.67 1.62 -16.90
C ILE A 191 6.00 3.04 -17.34
N HIS A 192 5.14 3.60 -18.18
CA HIS A 192 5.17 5.00 -18.60
C HIS A 192 4.31 5.82 -17.61
N TRP A 193 4.97 6.67 -16.85
CA TRP A 193 4.32 7.48 -15.82
C TRP A 193 4.05 8.89 -16.31
N PRO A 194 2.78 9.28 -16.39
CA PRO A 194 2.48 10.66 -16.76
C PRO A 194 2.97 11.62 -15.70
N THR A 195 3.19 12.87 -16.09
CA THR A 195 3.79 13.91 -15.22
C THR A 195 3.07 14.09 -13.89
N LYS A 196 1.75 14.30 -13.94
CA LYS A 196 1.04 14.59 -12.69
C LYS A 196 1.02 13.35 -11.79
N VAL A 197 0.92 12.16 -12.37
CA VAL A 197 0.93 10.95 -11.60
C VAL A 197 2.27 10.79 -10.92
N ALA A 198 3.35 10.99 -11.68
CA ALA A 198 4.71 10.89 -11.12
C ALA A 198 4.96 11.90 -10.02
N ASP A 199 4.48 13.14 -10.23
CA ASP A 199 4.65 14.18 -9.20
C ASP A 199 3.91 13.87 -7.91
N TYR A 200 2.71 13.34 -8.07
CA TYR A 200 1.88 12.95 -6.91
C TYR A 200 2.58 11.78 -6.18
N ARG A 201 2.96 10.75 -6.93
CA ARG A 201 3.66 9.61 -6.37
C ARG A 201 4.89 10.06 -5.58
N ASP A 202 5.70 10.91 -6.18
CA ASP A 202 6.94 11.33 -5.57
C ASP A 202 6.71 12.17 -4.34
N ASN A 203 5.78 13.11 -4.43
CA ASN A 203 5.51 13.97 -3.29
C ASN A 203 4.89 13.19 -2.14
N ALA A 205 5.18 10.02 -1.44
CA ALA A 205 6.16 9.17 -0.80
C ALA A 205 6.98 10.00 0.22
N LYS A 206 7.38 11.21 -0.16
N LYS A 206 7.35 11.21 -0.17
CA LYS A 206 8.13 12.08 0.73
CA LYS A 206 8.14 12.12 0.67
C LYS A 206 7.33 12.47 1.96
C LYS A 206 7.38 12.59 1.91
N GLN A 207 6.11 12.94 1.73
CA GLN A 207 5.30 13.44 2.85
C GLN A 207 4.83 12.35 3.79
N THR A 208 4.59 11.14 3.25
CA THR A 208 4.15 9.99 4.06
C THR A 208 5.31 9.24 4.70
N GLN A 209 6.56 9.54 4.35
N GLN A 209 6.52 9.54 4.23
CA GLN A 209 7.72 8.79 4.89
CA GLN A 209 7.74 8.93 4.74
C GLN A 209 7.64 7.31 4.49
C GLN A 209 7.79 7.41 4.42
N ILE A 210 7.18 7.05 3.28
CA ILE A 210 7.08 5.67 2.79
C ILE A 210 7.85 5.61 1.49
N ASN A 211 8.76 4.66 1.39
CA ASN A 211 9.63 4.53 0.23
C ASN A 211 8.95 4.04 -1.01
N LEU A 212 9.40 4.56 -2.15
CA LEU A 212 9.04 3.97 -3.43
C LEU A 212 9.99 2.77 -3.65
N LEU A 213 9.63 1.93 -4.61
CA LEU A 213 10.31 0.64 -4.84
C LEU A 213 11.11 0.58 -6.13
N SER A 214 11.31 1.75 -6.74
N SER A 214 11.26 1.72 -6.80
CA SER A 214 11.94 1.89 -8.02
CA SER A 214 11.93 1.76 -8.09
C SER A 214 13.34 1.31 -8.04
C SER A 214 13.37 1.29 -8.08
N SER A 215 14.07 1.42 -6.95
CA SER A 215 15.44 0.91 -6.91
C SER A 215 15.50 -0.62 -7.08
N ALA A 217 13.00 -2.26 -9.01
CA ALA A 217 11.99 -2.55 -10.03
C ALA A 217 12.48 -3.68 -10.92
N ILE A 218 11.53 -4.52 -11.28
CA ILE A 218 11.77 -5.70 -12.12
C ILE A 218 10.61 -5.93 -13.09
#